data_2CF9
#
_entry.id   2CF9
#
_cell.length_a   71.290
_cell.length_b   71.840
_cell.length_c   73.060
_cell.angle_alpha   90.00
_cell.angle_beta   100.56
_cell.angle_gamma   90.00
#
_symmetry.space_group_name_H-M   'C 1 2 1'
#
loop_
_entity.id
_entity.type
_entity.pdbx_description
1 polymer 'THROMBIN HEAVY CHAIN'
2 polymer 'HIRUDIN IIIA'
3 polymer 'THROMBIN LIGHT CHAIN'
4 non-polymer 4-[(1R,3AS,4R,8AS,8BR)-1-ISOPROPYL-2-(4-METHOXYBENZYL)-3-OXODECAHYDROPYRROLO[3,4-A]PYRROLIZIN-4-YL]BENZENECARBOXIMIDAMIDE
5 non-polymer 'SODIUM ION'
6 non-polymer 'CALCIUM ION'
7 water water
#
loop_
_entity_poly.entity_id
_entity_poly.type
_entity_poly.pdbx_seq_one_letter_code
_entity_poly.pdbx_strand_id
1 'polypeptide(L)'
;IVEGSDAEIGMSPWQVMLFRKSPQELLCGASLISDRWVLTAAHCLLYPPWDKNFTENDLLVRIGKHSRTRYERNIEKISM
LEKIYIHPRYNWRENLDRDIALMKLKKPVAFSDYIHPVCLPDRETAASLLQAGYKGRVTGWGNLKETWTANVGKGQPSVL
QVVNLPIVERPVCKDSTRIRITDNMFCAGYKPDEGKRGDACEGDSGGPFVMKSPFNNRWYQMGIVSWGEGCDRDGKYGFY
THVFRLKKWIQKVIDQF
;
H
2 'polypeptide(L)' (SIN)FEEIPEEYLQ I
3 'polypeptide(L)' ADCGLRPLFEKKSLEDKTERELLESYID L
#
loop_
_chem_comp.id
_chem_comp.type
_chem_comp.name
_chem_comp.formula
348 non-polymer 4-[(1R,3AS,4R,8AS,8BR)-1-ISOPROPYL-2-(4-METHOXYBENZYL)-3-OXODECAHYDROPYRROLO[3,4-A]PYRROLIZIN-4-YL]BENZENECARBOXIMIDAMIDE 'C27 H34 N4 O2'
CA non-polymer 'CALCIUM ION' 'Ca 2'
NA non-polymer 'SODIUM ION' 'Na 1'
SIN non-polymer 'SUCCINIC ACID' 'C4 H6 O4'
#
# COMPACT_ATOMS: atom_id res chain seq x y z
N ILE A 1 -8.86 6.81 -2.80
CA ILE A 1 -7.87 7.90 -2.99
C ILE A 1 -8.62 9.19 -3.34
N VAL A 2 -8.32 10.24 -2.58
CA VAL A 2 -8.93 11.57 -2.77
C VAL A 2 -7.95 12.41 -3.57
N GLU A 3 -8.46 13.06 -4.61
CA GLU A 3 -7.71 13.98 -5.45
C GLU A 3 -6.54 13.31 -6.17
N GLY A 4 -6.72 12.04 -6.52
CA GLY A 4 -5.76 11.35 -7.38
C GLY A 4 -6.27 11.28 -8.80
N SER A 5 -5.73 10.33 -9.56
CA SER A 5 -6.11 10.14 -10.95
C SER A 5 -6.18 8.66 -11.30
N ASP A 6 -6.77 8.35 -12.44
CA ASP A 6 -6.81 6.97 -12.94
C ASP A 6 -5.39 6.44 -13.16
N ALA A 7 -5.12 5.25 -12.65
CA ALA A 7 -3.87 4.53 -12.92
C ALA A 7 -3.76 4.14 -14.39
N GLU A 8 -2.52 4.04 -14.90
CA GLU A 8 -2.26 3.38 -16.18
C GLU A 8 -2.30 1.87 -16.06
N ILE A 9 -2.69 1.17 -17.14
CA ILE A 9 -2.59 -0.30 -17.19
C ILE A 9 -1.17 -0.76 -16.82
N GLY A 10 -1.09 -1.66 -15.85
CA GLY A 10 0.21 -2.23 -15.41
C GLY A 10 1.09 -1.28 -14.61
N MET A 11 0.53 -0.16 -14.16
CA MET A 11 1.31 0.86 -13.44
C MET A 11 1.77 0.40 -12.04
N SER A 12 0.97 -0.47 -11.42
CA SER A 12 1.17 -0.93 -10.05
C SER A 12 0.90 -2.43 -10.02
N PRO A 13 1.77 -3.24 -10.67
CA PRO A 13 1.43 -4.66 -10.82
C PRO A 13 1.54 -5.49 -9.55
N TRP A 14 2.03 -4.86 -8.48
CA TRP A 14 2.07 -5.43 -7.14
C TRP A 14 0.78 -5.17 -6.36
N GLN A 15 -0.12 -4.34 -6.91
CA GLN A 15 -1.36 -4.00 -6.20
C GLN A 15 -2.23 -5.23 -5.93
N VAL A 16 -2.68 -5.37 -4.69
CA VAL A 16 -3.56 -6.48 -4.33
C VAL A 16 -4.87 -5.91 -3.75
N MET A 17 -6.00 -6.49 -4.16
CA MET A 17 -7.29 -6.20 -3.50
C MET A 17 -7.61 -7.33 -2.51
N LEU A 18 -7.85 -6.96 -1.25
CA LEU A 18 -8.39 -7.89 -0.25
C LEU A 18 -9.91 -7.77 -0.29
N PHE A 19 -10.55 -8.91 -0.51
CA PHE A 19 -11.95 -8.96 -0.93
C PHE A 19 -12.70 -9.86 0.03
N ARG A 20 -13.74 -9.32 0.66
CA ARG A 20 -14.56 -10.10 1.58
C ARG A 20 -15.51 -10.99 0.78
N LYS A 21 -15.61 -12.26 1.19
CA LYS A 21 -16.44 -13.26 0.49
C LYS A 21 -17.93 -13.07 0.69
N SER A 22 -18.35 -12.80 1.94
CA SER A 22 -19.77 -12.69 2.29
C SER A 22 -19.95 -11.65 3.41
N PRO A 23 -20.61 -10.51 3.09
CA PRO A 23 -21.01 -10.07 1.76
C PRO A 23 -19.79 -9.72 0.91
N GLN A 24 -19.97 -9.65 -0.40
CA GLN A 24 -18.90 -9.27 -1.33
C GLN A 24 -18.58 -7.78 -1.20
N GLU A 25 -17.38 -7.47 -0.69
CA GLU A 25 -16.96 -6.07 -0.59
C GLU A 25 -15.45 -5.88 -0.56
N LEU A 26 -15.01 -4.67 -0.92
CA LEU A 26 -13.59 -4.33 -0.80
C LEU A 26 -13.26 -4.18 0.69
N LEU A 27 -12.25 -4.91 1.14
CA LEU A 27 -11.85 -4.81 2.56
C LEU A 27 -10.70 -3.85 2.74
N CYS A 28 -9.72 -3.94 1.85
CA CYS A 28 -8.44 -3.25 2.07
C CYS A 28 -7.57 -3.40 0.83
N GLY A 29 -6.52 -2.60 0.74
CA GLY A 29 -5.43 -2.85 -0.18
C GLY A 29 -4.40 -3.77 0.46
N ALA A 30 -3.42 -4.13 -0.36
CA ALA A 30 -2.30 -4.98 0.04
C ALA A 30 -1.30 -5.01 -1.11
N SER A 31 -0.17 -5.71 -0.91
CA SER A 31 0.84 -5.78 -1.98
C SER A 31 1.49 -7.15 -2.15
N LEU A 32 1.90 -7.42 -3.39
CA LEU A 32 2.55 -8.68 -3.71
C LEU A 32 4.05 -8.54 -3.54
N ILE A 33 4.65 -9.31 -2.63
CA ILE A 33 6.10 -9.25 -2.38
C ILE A 33 6.89 -10.47 -2.85
N SER A 34 6.18 -11.57 -3.14
CA SER A 34 6.77 -12.74 -3.81
C SER A 34 5.62 -13.52 -4.46
N ASP A 35 5.91 -14.69 -5.01
CA ASP A 35 4.86 -15.49 -5.67
C ASP A 35 3.87 -16.04 -4.65
N ARG A 36 4.23 -15.97 -3.37
CA ARG A 36 3.47 -16.65 -2.34
C ARG A 36 3.12 -15.78 -1.13
N TRP A 37 3.66 -14.57 -1.05
CA TRP A 37 3.44 -13.74 0.15
C TRP A 37 2.82 -12.37 -0.19
N VAL A 38 1.82 -11.98 0.59
CA VAL A 38 1.14 -10.68 0.44
C VAL A 38 1.30 -9.85 1.73
N LEU A 39 1.64 -8.58 1.58
CA LEU A 39 1.82 -7.63 2.70
C LEU A 39 0.64 -6.65 2.85
N THR A 40 0.18 -6.44 4.09
CA THR A 40 -0.96 -5.52 4.34
C THR A 40 -0.84 -4.87 5.75
N ALA A 41 -1.83 -4.07 6.15
CA ALA A 41 -1.90 -3.51 7.50
C ALA A 41 -2.58 -4.50 8.44
N ALA A 42 -2.09 -4.60 9.66
CA ALA A 42 -2.76 -5.48 10.64
C ALA A 42 -4.23 -5.07 10.88
N HIS A 43 -4.51 -3.77 10.85
CA HIS A 43 -5.88 -3.30 11.16
C HIS A 43 -6.88 -3.79 10.08
N CYS A 44 -6.37 -4.25 8.93
CA CYS A 44 -7.24 -4.80 7.88
C CYS A 44 -7.81 -6.15 8.27
N LEU A 45 -7.10 -6.84 9.18
CA LEU A 45 -7.47 -8.19 9.61
C LEU A 45 -7.92 -8.28 11.07
N LEU A 46 -7.43 -7.38 11.92
CA LEU A 46 -7.70 -7.48 13.36
C LEU A 46 -7.84 -6.09 13.96
N TYR A 47 -9.03 -5.78 14.44
CA TYR A 47 -9.26 -4.55 15.19
C TYR A 47 -10.42 -4.80 16.15
N PRO A 48 -10.12 -5.35 17.34
CA PRO A 48 -11.15 -5.66 18.37
C PRO A 48 -12.13 -4.54 18.79
N PRO A 49 -11.69 -3.26 18.85
CA PRO A 49 -12.68 -2.23 19.18
C PRO A 49 -13.92 -2.19 18.26
N TRP A 50 -13.76 -2.61 17.00
CA TRP A 50 -14.86 -2.68 16.03
C TRP A 50 -15.32 -4.10 15.73
N ASP A 51 -14.97 -5.04 16.60
CA ASP A 51 -15.25 -6.48 16.42
C ASP A 51 -14.79 -7.03 15.07
N LYS A 52 -13.63 -6.60 14.62
CA LYS A 52 -13.05 -7.13 13.39
C LYS A 52 -12.00 -8.18 13.70
N ASN A 53 -12.22 -9.39 13.20
CA ASN A 53 -11.32 -10.51 13.43
C ASN A 53 -11.44 -11.54 12.31
N PHE A 54 -10.82 -11.26 11.17
CA PHE A 54 -10.96 -12.12 10.00
C PHE A 54 -10.15 -13.41 10.12
N THR A 55 -10.71 -14.50 9.61
CA THR A 55 -9.97 -15.74 9.50
C THR A 55 -9.56 -15.92 8.02
N GLU A 56 -8.68 -16.89 7.75
CA GLU A 56 -8.20 -17.16 6.38
C GLU A 56 -9.35 -17.39 5.39
N ASN A 57 -10.40 -18.08 5.86
CA ASN A 57 -11.54 -18.46 5.02
C ASN A 57 -12.53 -17.33 4.69
N ASP A 58 -12.40 -16.19 5.39
CA ASP A 58 -13.32 -15.08 5.24
C ASP A 58 -13.07 -14.26 3.99
N LEU A 59 -11.86 -14.32 3.45
CA LEU A 59 -11.49 -13.43 2.34
C LEU A 59 -10.70 -14.08 1.22
N LEU A 60 -10.58 -13.32 0.13
CA LEU A 60 -9.83 -13.73 -1.05
C LEU A 60 -8.86 -12.62 -1.42
N VAL A 61 -7.79 -13.01 -2.10
CA VAL A 61 -6.83 -12.06 -2.65
C VAL A 61 -7.06 -12.00 -4.16
N ARG A 62 -7.28 -10.80 -4.70
CA ARG A 62 -7.41 -10.58 -6.14
C ARG A 62 -6.25 -9.73 -6.67
N ILE A 63 -5.51 -10.30 -7.61
CA ILE A 63 -4.23 -9.74 -8.08
C ILE A 63 -4.30 -9.48 -9.60
N GLY A 64 -3.59 -8.44 -10.06
CA GLY A 64 -3.59 -8.02 -11.48
C GLY A 64 -4.80 -7.19 -11.89
N LYS A 65 -5.50 -6.60 -10.92
CA LYS A 65 -6.76 -5.90 -11.22
C LYS A 65 -6.55 -4.46 -11.67
N HIS A 66 -7.52 -3.95 -12.42
CA HIS A 66 -7.57 -2.52 -12.78
C HIS A 66 -8.95 -1.96 -12.44
N SER A 67 -9.97 -2.50 -13.08
CA SER A 67 -11.36 -2.20 -12.71
C SER A 67 -11.66 -2.60 -11.27
N ARG A 68 -12.38 -1.74 -10.51
CA ARG A 68 -12.77 -2.05 -9.12
C ARG A 68 -13.73 -3.22 -9.03
N THR A 69 -14.82 -3.16 -9.80
CA THR A 69 -15.94 -4.10 -9.60
C THR A 69 -15.99 -5.27 -10.59
N ARG A 70 -15.40 -5.12 -11.77
CA ARG A 70 -15.52 -6.15 -12.81
C ARG A 70 -14.69 -7.38 -12.49
N TYR A 71 -15.20 -8.55 -12.87
CA TYR A 71 -14.37 -9.75 -12.92
C TYR A 71 -13.55 -9.69 -14.23
N GLU A 72 -12.26 -9.45 -14.07
CA GLU A 72 -11.37 -9.18 -15.18
C GLU A 72 -10.81 -10.48 -15.75
N ARG A 73 -11.67 -11.13 -16.51
CA ARG A 73 -11.44 -12.43 -17.11
C ARG A 73 -10.13 -12.42 -17.93
N ASN A 74 -9.34 -13.48 -17.74
CA ASN A 74 -8.05 -13.69 -18.43
C ASN A 74 -6.95 -12.72 -17.98
N ILE A 75 -7.23 -11.94 -16.93
CA ILE A 75 -6.29 -10.93 -16.48
C ILE A 75 -6.00 -11.09 -14.99
N GLU A 76 -7.03 -10.91 -14.17
CA GLU A 76 -6.80 -11.04 -12.73
C GLU A 76 -6.68 -12.49 -12.27
N LYS A 77 -5.99 -12.66 -11.14
CA LYS A 77 -5.87 -13.96 -10.49
C LYS A 77 -6.48 -13.90 -9.09
N ILE A 78 -7.26 -14.92 -8.76
CA ILE A 78 -7.88 -14.98 -7.43
C ILE A 78 -7.19 -16.08 -6.62
N SER A 79 -6.72 -15.71 -5.43
CA SER A 79 -5.98 -16.63 -4.55
C SER A 79 -6.64 -16.75 -3.17
N MET A 80 -6.54 -17.95 -2.60
CA MET A 80 -7.01 -18.21 -1.26
C MET A 80 -5.86 -18.09 -0.28
N LEU A 81 -6.19 -17.84 0.99
CA LEU A 81 -5.19 -17.68 2.03
C LEU A 81 -4.92 -18.98 2.75
N GLU A 82 -3.63 -19.29 2.93
CA GLU A 82 -3.24 -20.43 3.74
C GLU A 82 -3.19 -20.05 5.22
N LYS A 83 -2.52 -18.93 5.50
CA LYS A 83 -2.30 -18.49 6.87
C LYS A 83 -2.06 -16.98 6.95
N ILE A 84 -2.62 -16.36 7.99
CA ILE A 84 -2.43 -14.94 8.31
C ILE A 84 -1.40 -14.83 9.45
N TYR A 85 -0.46 -13.89 9.34
CA TYR A 85 0.51 -13.63 10.40
C TYR A 85 0.45 -12.14 10.76
N ILE A 86 -0.03 -11.86 11.96
CA ILE A 86 -0.11 -10.48 12.47
C ILE A 86 1.10 -10.20 13.39
N HIS A 87 1.70 -9.01 13.27
CA HIS A 87 2.83 -8.68 14.12
C HIS A 87 2.42 -8.88 15.59
N PRO A 88 3.22 -9.66 16.35
CA PRO A 88 2.84 -9.95 17.75
C PRO A 88 2.78 -8.74 18.68
N ARG A 89 3.46 -7.66 18.30
CA ARG A 89 3.44 -6.42 19.09
C ARG A 89 2.65 -5.28 18.42
N TYR A 90 1.79 -5.63 17.47
CA TYR A 90 0.76 -4.72 16.94
C TYR A 90 -0.06 -4.10 18.08
N ASN A 91 0.02 -2.77 18.20
CA ASN A 91 -0.60 -2.08 19.35
C ASN A 91 -1.95 -1.42 19.00
N TRP A 92 -3.00 -2.24 18.91
CA TRP A 92 -4.33 -1.74 18.56
C TRP A 92 -4.98 -1.09 19.80
N ARG A 93 -4.48 -1.43 20.98
CA ARG A 93 -4.98 -0.85 22.24
C ARG A 93 -4.63 0.63 22.42
N GLU A 94 -3.44 1.06 21.95
CA GLU A 94 -3.05 2.47 22.11
C GLU A 94 -3.13 3.23 20.80
N ASN A 95 -2.07 3.15 19.99
CA ASN A 95 -1.87 4.09 18.87
C ASN A 95 -1.56 3.44 17.53
N LEU A 96 -1.89 2.15 17.43
CA LEU A 96 -1.75 1.40 16.16
C LEU A 96 -0.29 1.19 15.76
N ASP A 97 0.59 1.11 16.77
CA ASP A 97 2.02 0.88 16.52
C ASP A 97 2.22 -0.50 15.91
N ARG A 98 3.16 -0.60 14.97
CA ARG A 98 3.49 -1.85 14.28
C ARG A 98 2.29 -2.41 13.49
N ASP A 99 1.69 -1.55 12.67
CA ASP A 99 0.48 -1.92 11.94
C ASP A 99 0.85 -2.68 10.66
N ILE A 100 1.10 -3.98 10.80
CA ILE A 100 1.64 -4.78 9.69
C ILE A 100 1.22 -6.23 9.83
N ALA A 101 0.93 -6.86 8.69
CA ALA A 101 0.59 -8.28 8.67
C ALA A 101 1.02 -8.93 7.37
N LEU A 102 1.29 -10.23 7.42
CA LEU A 102 1.59 -11.03 6.23
C LEU A 102 0.50 -12.06 5.95
N MET A 103 0.28 -12.34 4.67
CA MET A 103 -0.61 -13.45 4.27
C MET A 103 0.12 -14.40 3.33
N LYS A 104 0.16 -15.69 3.68
CA LYS A 104 0.74 -16.70 2.76
C LYS A 104 -0.37 -17.32 1.93
N LEU A 105 -0.15 -17.38 0.62
CA LEU A 105 -1.16 -17.89 -0.32
C LEU A 105 -1.13 -19.41 -0.40
N LYS A 106 -2.30 -20.00 -0.64
CA LYS A 106 -2.42 -21.47 -0.74
C LYS A 106 -1.55 -22.03 -1.87
N LYS A 107 -1.44 -21.27 -2.97
CA LYS A 107 -0.65 -21.66 -4.14
C LYS A 107 0.06 -20.44 -4.72
N PRO A 108 1.28 -20.64 -5.28
CA PRO A 108 1.97 -19.48 -5.85
C PRO A 108 1.24 -18.92 -7.07
N VAL A 109 1.27 -17.60 -7.22
CA VAL A 109 0.64 -16.93 -8.35
C VAL A 109 1.65 -16.81 -9.49
N ALA A 110 1.19 -17.08 -10.71
CA ALA A 110 2.03 -16.86 -11.88
C ALA A 110 2.16 -15.35 -12.17
N PHE A 111 3.38 -14.89 -12.44
CA PHE A 111 3.60 -13.49 -12.82
C PHE A 111 3.19 -13.25 -14.28
N SER A 112 2.87 -11.99 -14.59
CA SER A 112 2.39 -11.63 -15.94
C SER A 112 2.68 -10.16 -16.17
N ASP A 113 2.21 -9.63 -17.31
CA ASP A 113 2.26 -8.19 -17.56
C ASP A 113 1.60 -7.39 -16.44
N TYR A 114 0.61 -8.01 -15.77
CA TYR A 114 -0.24 -7.29 -14.81
C TYR A 114 0.05 -7.63 -13.34
N ILE A 115 0.90 -8.62 -13.13
CA ILE A 115 1.14 -9.20 -11.81
C ILE A 115 2.65 -9.38 -11.65
N HIS A 116 3.22 -8.67 -10.68
CA HIS A 116 4.67 -8.62 -10.48
C HIS A 116 4.99 -8.04 -9.09
N PRO A 117 5.96 -8.64 -8.37
CA PRO A 117 6.25 -8.20 -6.99
C PRO A 117 7.08 -6.91 -6.88
N VAL A 118 6.79 -6.13 -5.84
CA VAL A 118 7.54 -4.92 -5.47
C VAL A 118 8.74 -5.35 -4.61
N CYS A 119 9.80 -4.53 -4.54
CA CYS A 119 10.94 -4.80 -3.66
C CYS A 119 10.67 -4.30 -2.25
N LEU A 120 11.33 -4.92 -1.27
CA LEU A 120 11.35 -4.35 0.07
C LEU A 120 12.69 -3.64 0.30
N PRO A 121 12.68 -2.48 1.00
CA PRO A 121 13.93 -1.75 1.16
C PRO A 121 14.90 -2.44 2.13
N ASP A 122 16.20 -2.22 1.92
CA ASP A 122 17.18 -2.49 2.96
C ASP A 122 17.57 -1.17 3.67
N ARG A 123 18.49 -1.25 4.63
CA ARG A 123 18.88 -0.09 5.42
C ARG A 123 19.30 1.09 4.55
N GLU A 124 20.10 0.81 3.53
CA GLU A 124 20.62 1.84 2.61
C GLU A 124 19.51 2.52 1.80
N THR A 125 18.55 1.72 1.32
CA THR A 125 17.39 2.24 0.59
C THR A 125 16.61 3.22 1.46
N ALA A 126 16.34 2.79 2.70
CA ALA A 126 15.59 3.59 3.66
C ALA A 126 16.30 4.90 3.96
N ALA A 127 17.61 4.85 4.17
CA ALA A 127 18.41 6.03 4.46
C ALA A 127 18.41 6.99 3.27
N SER A 128 18.55 6.46 2.07
CA SER A 128 18.56 7.27 0.84
C SER A 128 17.23 7.98 0.52
N LEU A 129 16.12 7.29 0.72
CA LEU A 129 14.82 7.74 0.20
C LEU A 129 13.87 8.39 1.22
N LEU A 130 13.95 7.96 2.47
CA LEU A 130 13.01 8.43 3.49
C LEU A 130 13.37 9.79 4.06
N GLN A 131 13.21 10.81 3.23
CA GLN A 131 13.62 12.17 3.54
C GLN A 131 12.44 13.10 3.30
N ALA A 132 12.25 14.07 4.20
CA ALA A 132 11.18 15.07 4.04
C ALA A 132 11.28 15.73 2.67
N GLY A 133 10.16 15.87 1.97
CA GLY A 133 10.13 16.47 0.64
C GLY A 133 10.17 15.45 -0.49
N TYR A 134 10.84 14.32 -0.26
CA TYR A 134 10.85 13.25 -1.24
C TYR A 134 9.44 12.68 -1.37
N LYS A 135 9.01 12.47 -2.62
CA LYS A 135 7.68 11.98 -2.92
C LYS A 135 7.64 10.47 -3.15
N GLY A 136 6.58 9.84 -2.61
CA GLY A 136 6.21 8.46 -2.90
C GLY A 136 4.83 8.38 -3.53
N ARG A 137 4.33 7.16 -3.73
CA ARG A 137 3.09 6.96 -4.50
C ARG A 137 2.15 6.00 -3.78
N VAL A 138 0.88 6.38 -3.68
CA VAL A 138 -0.12 5.55 -3.02
C VAL A 138 -1.19 5.19 -4.05
N THR A 139 -1.67 3.94 -4.01
CA THR A 139 -2.65 3.46 -4.98
C THR A 139 -3.75 2.68 -4.25
N GLY A 140 -4.97 2.68 -4.81
CA GLY A 140 -6.06 1.88 -4.24
C GLY A 140 -7.42 2.14 -4.87
N TRP A 141 -8.40 1.34 -4.46
CA TRP A 141 -9.77 1.39 -4.99
C TRP A 141 -10.73 2.01 -3.99
N GLY A 142 -10.17 2.70 -2.99
CA GLY A 142 -10.95 3.31 -1.90
C GLY A 142 -11.74 4.53 -2.31
N ASN A 143 -12.45 5.11 -1.33
CA ASN A 143 -13.29 6.29 -1.52
C ASN A 143 -12.61 7.44 -2.23
N LEU A 144 -13.36 8.12 -3.09
CA LEU A 144 -12.90 9.33 -3.76
C LEU A 144 -13.03 10.60 -2.89
N LYS A 145 -13.86 10.53 -1.85
CA LYS A 145 -14.14 11.65 -0.94
C LYS A 145 -14.36 11.13 0.47
N GLU A 146 -14.06 11.97 1.46
CA GLU A 146 -14.30 11.60 2.86
C GLU A 146 -15.77 11.26 3.10
N THR A 147 -16.67 12.10 2.56
CA THR A 147 -18.11 11.90 2.73
C THR A 147 -18.81 11.74 1.38
N GLY A 155 -18.15 9.20 -4.69
CA GLY A 155 -18.33 7.83 -4.22
C GLY A 155 -17.12 6.94 -4.45
N GLN A 156 -17.29 5.94 -5.30
CA GLN A 156 -16.31 4.89 -5.50
C GLN A 156 -15.78 4.93 -6.94
N PRO A 157 -14.46 4.67 -7.14
CA PRO A 157 -13.88 4.78 -8.50
C PRO A 157 -14.20 3.58 -9.38
N SER A 158 -14.25 3.82 -10.68
CA SER A 158 -14.36 2.75 -11.67
C SER A 158 -13.04 1.95 -11.75
N VAL A 159 -11.91 2.65 -11.77
CA VAL A 159 -10.60 1.96 -11.85
C VAL A 159 -9.61 2.37 -10.75
N LEU A 160 -8.52 1.61 -10.61
CA LEU A 160 -7.50 1.90 -9.62
C LEU A 160 -7.07 3.37 -9.68
N GLN A 161 -6.95 4.01 -8.51
CA GLN A 161 -6.52 5.43 -8.41
C GLN A 161 -5.07 5.54 -7.94
N VAL A 162 -4.39 6.62 -8.35
CA VAL A 162 -2.98 6.87 -8.01
C VAL A 162 -2.80 8.32 -7.54
N VAL A 163 -1.97 8.52 -6.53
CA VAL A 163 -1.56 9.88 -6.15
C VAL A 163 -0.11 9.87 -5.64
N ASN A 164 0.65 10.91 -6.00
CA ASN A 164 2.01 11.11 -5.50
C ASN A 164 1.97 12.16 -4.37
N LEU A 165 2.65 11.85 -3.26
CA LEU A 165 2.63 12.64 -2.02
C LEU A 165 4.02 12.74 -1.37
N PRO A 166 4.40 13.95 -0.91
CA PRO A 166 5.69 14.12 -0.22
C PRO A 166 5.74 13.64 1.24
N ILE A 167 6.86 13.03 1.63
CA ILE A 167 7.13 12.71 3.04
C ILE A 167 7.24 14.04 3.81
N VAL A 168 6.63 14.08 5.00
CA VAL A 168 6.60 15.28 5.84
C VAL A 168 7.59 15.19 7.04
N GLU A 169 8.18 16.33 7.39
CA GLU A 169 9.07 16.46 8.55
C GLU A 169 8.40 15.89 9.80
N ARG A 170 9.15 15.13 10.61
CA ARG A 170 8.56 14.47 11.78
C ARG A 170 7.88 15.42 12.79
N PRO A 171 8.49 16.59 13.07
CA PRO A 171 7.84 17.59 13.95
C PRO A 171 6.46 18.06 13.44
N VAL A 172 6.33 18.25 12.13
CA VAL A 172 5.07 18.64 11.50
C VAL A 172 4.03 17.52 11.65
N CYS A 173 4.42 16.27 11.40
CA CYS A 173 3.56 15.11 11.63
C CYS A 173 3.06 15.09 13.10
N LYS A 174 4.01 15.28 14.01
CA LYS A 174 3.74 15.22 15.45
C LYS A 174 2.74 16.31 15.86
N ASP A 175 2.96 17.51 15.34
CA ASP A 175 2.16 18.67 15.69
C ASP A 175 0.76 18.72 15.06
N SER A 176 0.49 17.78 14.16
CA SER A 176 -0.81 17.77 13.48
C SER A 176 -1.88 16.91 14.18
N THR A 177 -1.47 16.17 15.23
CA THR A 177 -2.33 15.16 15.84
C THR A 177 -2.12 15.09 17.36
N ARG A 178 -3.16 14.64 18.07
CA ARG A 178 -3.01 14.37 19.50
C ARG A 178 -2.49 12.96 19.77
N ILE A 179 -2.47 12.11 18.74
CA ILE A 179 -2.01 10.72 18.86
C ILE A 179 -0.48 10.67 19.05
N ARG A 180 -0.01 9.72 19.87
CA ARG A 180 1.44 9.49 20.03
C ARG A 180 2.04 8.76 18.83
N ILE A 181 2.93 9.44 18.13
CA ILE A 181 3.60 8.89 16.94
C ILE A 181 4.84 8.11 17.38
N THR A 182 5.12 7.00 16.71
CA THR A 182 6.30 6.19 17.03
C THR A 182 7.28 6.18 15.87
N ASP A 183 8.49 5.68 16.10
CA ASP A 183 9.50 5.56 15.04
C ASP A 183 9.06 4.59 13.94
N ASN A 184 8.03 3.78 14.23
CA ASN A 184 7.50 2.80 13.26
C ASN A 184 6.47 3.39 12.32
N MET A 185 6.31 4.73 12.35
CA MET A 185 5.35 5.45 11.51
C MET A 185 6.03 6.63 10.83
N PHE A 186 5.55 6.99 9.64
CA PHE A 186 5.90 8.30 9.06
C PHE A 186 4.62 8.91 8.48
N CYS A 187 4.64 10.20 8.15
CA CYS A 187 3.44 10.78 7.53
C CYS A 187 3.82 11.45 6.19
N ALA A 188 2.83 11.58 5.31
CA ALA A 188 3.00 12.11 3.99
C ALA A 188 1.75 12.89 3.57
N GLY A 189 1.95 13.88 2.71
CA GLY A 189 0.87 14.73 2.22
C GLY A 189 1.32 16.17 2.09
N TYR A 190 0.53 16.95 1.37
CA TYR A 190 0.83 18.36 1.18
C TYR A 190 0.30 19.18 2.35
N LYS A 191 1.00 20.29 2.58
CA LYS A 191 0.63 21.28 3.58
C LYS A 191 -0.40 22.26 3.00
N PRO A 192 -1.20 22.89 3.88
CA PRO A 192 -2.14 23.90 3.40
C PRO A 192 -1.52 24.90 2.43
N ASP A 193 -0.31 25.38 2.73
CA ASP A 193 0.34 26.42 1.92
C ASP A 193 0.86 25.93 0.56
N GLU A 194 0.89 24.61 0.36
CA GLU A 194 1.46 24.02 -0.85
C GLU A 194 0.53 23.98 -2.07
N GLY A 195 -0.76 24.25 -1.88
CA GLY A 195 -1.69 24.29 -3.03
C GLY A 195 -2.15 22.95 -3.60
N LYS A 196 -1.30 21.93 -3.56
CA LYS A 196 -1.67 20.60 -4.08
C LYS A 196 -2.35 19.77 -3.00
N ARG A 197 -3.06 18.71 -3.40
CA ARG A 197 -3.84 17.90 -2.46
C ARG A 197 -3.67 16.40 -2.70
N GLY A 198 -4.38 15.58 -1.92
CA GLY A 198 -4.34 14.13 -2.13
C GLY A 198 -4.14 13.35 -0.84
N ASP A 199 -4.79 12.20 -0.75
CA ASP A 199 -4.69 11.37 0.44
C ASP A 199 -5.31 10.02 0.10
N ALA A 200 -4.95 9.03 0.91
CA ALA A 200 -5.67 7.76 0.97
C ALA A 200 -6.97 7.95 1.76
N CYS A 201 -7.90 7.01 1.61
CA CYS A 201 -9.20 7.05 2.27
C CYS A 201 -9.73 5.62 2.50
N GLU A 202 -10.95 5.49 3.05
CA GLU A 202 -11.61 4.20 3.29
C GLU A 202 -11.56 3.28 2.07
N GLY A 203 -10.99 2.09 2.23
CA GLY A 203 -10.84 1.15 1.11
C GLY A 203 -9.39 1.04 0.66
N ASP A 204 -8.59 2.09 0.94
CA ASP A 204 -7.18 2.13 0.53
C ASP A 204 -6.22 1.56 1.55
N SER A 205 -6.66 1.46 2.81
CA SER A 205 -5.70 1.10 3.86
C SER A 205 -5.20 -0.33 3.67
N GLY A 206 -3.99 -0.57 4.14
CA GLY A 206 -3.29 -1.83 3.90
C GLY A 206 -2.47 -1.77 2.61
N GLY A 207 -2.78 -0.81 1.74
CA GLY A 207 -2.11 -0.72 0.45
C GLY A 207 -0.73 -0.08 0.53
N PRO A 208 0.02 -0.11 -0.58
CA PRO A 208 1.44 0.27 -0.51
C PRO A 208 1.70 1.76 -0.72
N PHE A 209 2.75 2.27 -0.06
CA PHE A 209 3.36 3.59 -0.36
C PHE A 209 4.73 3.28 -0.98
N VAL A 210 4.89 3.56 -2.28
CA VAL A 210 6.11 3.11 -2.98
C VAL A 210 6.94 4.29 -3.45
N MET A 211 8.25 4.05 -3.62
CA MET A 211 9.18 5.04 -4.19
C MET A 211 10.07 4.35 -5.22
N LYS A 212 10.46 5.11 -6.24
CA LYS A 212 11.34 4.58 -7.28
C LYS A 212 12.78 5.03 -7.03
N SER A 213 13.64 4.09 -6.69
CA SER A 213 15.04 4.43 -6.43
C SER A 213 15.69 5.07 -7.65
N PRO A 214 16.28 6.27 -7.49
CA PRO A 214 16.97 6.81 -8.66
C PRO A 214 18.35 6.18 -8.92
N PHE A 215 18.79 5.28 -8.04
CA PHE A 215 20.10 4.63 -8.19
C PHE A 215 20.02 3.35 -9.05
N ASN A 216 18.96 2.57 -8.85
CA ASN A 216 18.84 1.32 -9.59
C ASN A 216 17.53 1.18 -10.37
N ASN A 217 16.72 2.26 -10.38
CA ASN A 217 15.42 2.32 -11.11
C ASN A 217 14.37 1.25 -10.76
N ARG A 218 14.44 0.73 -9.52
CA ARG A 218 13.46 -0.24 -9.02
C ARG A 218 12.48 0.43 -8.07
N TRP A 219 11.24 -0.06 -8.07
CA TRP A 219 10.27 0.36 -7.06
C TRP A 219 10.39 -0.41 -5.72
N TYR A 220 10.35 0.36 -4.63
CA TYR A 220 10.43 -0.17 -3.25
C TYR A 220 9.20 0.24 -2.45
N GLN A 221 8.62 -0.69 -1.69
CA GLN A 221 7.54 -0.32 -0.79
C GLN A 221 8.10 0.19 0.56
N MET A 222 8.05 1.51 0.74
CA MET A 222 8.58 2.10 1.97
C MET A 222 7.54 2.15 3.08
N GLY A 223 6.26 2.12 2.70
CA GLY A 223 5.15 2.30 3.65
C GLY A 223 3.90 1.48 3.38
N ILE A 224 3.07 1.34 4.40
CA ILE A 224 1.75 0.72 4.27
C ILE A 224 0.75 1.76 4.75
N VAL A 225 -0.32 1.98 4.00
CA VAL A 225 -1.41 2.86 4.45
C VAL A 225 -2.00 2.40 5.80
N SER A 226 -1.79 3.21 6.84
CA SER A 226 -2.10 2.78 8.21
C SER A 226 -3.30 3.50 8.82
N TRP A 227 -3.21 4.82 8.97
CA TRP A 227 -4.29 5.55 9.65
C TRP A 227 -4.34 7.05 9.30
N GLY A 228 -5.50 7.65 9.54
CA GLY A 228 -5.63 9.08 9.32
C GLY A 228 -6.79 9.64 10.10
N GLU A 229 -6.96 10.95 10.01
CA GLU A 229 -8.09 11.63 10.64
C GLU A 229 -8.87 12.31 9.52
N GLY A 230 -9.99 11.70 9.13
CA GLY A 230 -10.71 12.08 7.93
C GLY A 230 -9.90 11.68 6.70
N CYS A 231 -10.18 12.30 5.56
CA CYS A 231 -9.36 12.11 4.36
C CYS A 231 -9.15 13.44 3.63
N ASP A 232 -7.91 13.73 3.28
CA ASP A 232 -7.55 14.96 2.56
C ASP A 232 -7.97 16.27 3.26
N ARG A 233 -7.91 16.28 4.59
CA ARG A 233 -8.20 17.47 5.36
C ARG A 233 -6.98 18.37 5.45
N ASP A 234 -7.22 19.67 5.36
CA ASP A 234 -6.15 20.67 5.50
C ASP A 234 -5.53 20.55 6.89
N GLY A 235 -4.20 20.47 6.95
CA GLY A 235 -3.48 20.43 8.21
C GLY A 235 -3.37 19.04 8.82
N LYS A 236 -3.94 18.03 8.15
CA LYS A 236 -3.81 16.62 8.57
C LYS A 236 -2.99 15.89 7.52
N TYR A 237 -2.41 14.76 7.90
CA TYR A 237 -1.55 13.96 7.03
C TYR A 237 -1.90 12.50 7.19
N GLY A 238 -1.71 11.71 6.14
CA GLY A 238 -1.90 10.28 6.26
C GLY A 238 -0.69 9.69 6.94
N PHE A 239 -0.92 8.65 7.74
CA PHE A 239 0.18 7.98 8.43
C PHE A 239 0.38 6.59 7.87
N TYR A 240 1.64 6.16 7.83
CA TYR A 240 2.08 4.96 7.13
C TYR A 240 2.98 4.12 8.04
N THR A 241 2.79 2.80 8.02
CA THR A 241 3.72 1.88 8.68
C THR A 241 5.08 1.97 7.96
N HIS A 242 6.15 2.10 8.74
CA HIS A 242 7.53 2.18 8.24
C HIS A 242 8.03 0.75 7.96
N VAL A 243 8.03 0.34 6.69
CA VAL A 243 8.30 -1.07 6.33
C VAL A 243 9.72 -1.52 6.73
N PHE A 244 10.72 -0.69 6.44
CA PHE A 244 12.09 -1.07 6.78
C PHE A 244 12.29 -1.35 8.28
N ARG A 245 11.69 -0.52 9.13
CA ARG A 245 11.83 -0.67 10.58
C ARG A 245 11.24 -2.00 11.06
N LEU A 246 10.32 -2.57 10.29
CA LEU A 246 9.70 -3.85 10.65
C LEU A 246 10.20 -5.05 9.83
N LYS A 247 11.28 -4.84 9.07
CA LYS A 247 11.74 -5.87 8.14
C LYS A 247 12.32 -7.12 8.80
N LYS A 248 12.93 -6.97 9.98
CA LYS A 248 13.42 -8.12 10.73
C LYS A 248 12.28 -9.10 11.05
N TRP A 249 11.12 -8.57 11.43
CA TRP A 249 9.92 -9.41 11.63
C TRP A 249 9.45 -10.08 10.34
N ILE A 250 9.38 -9.30 9.25
CA ILE A 250 8.97 -9.83 7.94
C ILE A 250 9.87 -11.02 7.57
N GLN A 251 11.18 -10.82 7.73
CA GLN A 251 12.15 -11.83 7.34
C GLN A 251 12.02 -13.07 8.20
N LYS A 252 11.82 -12.87 9.50
CA LYS A 252 11.66 -13.98 10.45
C LYS A 252 10.46 -14.87 10.07
N VAL A 253 9.35 -14.24 9.69
CA VAL A 253 8.13 -14.97 9.32
C VAL A 253 8.31 -15.77 8.02
N ILE A 254 8.83 -15.12 6.99
CA ILE A 254 9.10 -15.78 5.71
C ILE A 254 10.15 -16.91 5.87
N ASP A 255 11.20 -16.68 6.67
CA ASP A 255 12.23 -17.69 6.87
C ASP A 255 11.65 -18.92 7.58
N GLN A 256 10.82 -18.69 8.60
CA GLN A 256 10.26 -19.80 9.40
C GLN A 256 9.16 -20.58 8.68
N PHE A 257 8.31 -19.88 7.94
CA PHE A 257 7.09 -20.50 7.38
C PHE A 257 7.09 -20.63 5.87
C1 SIN B 1 -20.47 -1.31 -6.75
O1 SIN B 1 -20.26 -0.18 -7.27
O2 SIN B 1 -19.69 -1.82 -5.92
C2 SIN B 1 -21.73 -2.04 -7.16
C3 SIN B 1 -21.72 -3.52 -6.74
C4 SIN B 1 -20.73 -4.32 -7.55
O3 SIN B 1 -20.39 -3.99 -8.68
N PHE B 2 -20.25 -5.42 -6.95
CA PHE B 2 -19.27 -6.27 -7.61
C PHE B 2 -19.86 -7.32 -8.53
N GLU B 3 -19.21 -7.54 -9.67
CA GLU B 3 -19.56 -8.65 -10.54
C GLU B 3 -19.19 -9.97 -9.85
N GLU B 4 -20.02 -11.00 -10.06
CA GLU B 4 -19.80 -12.31 -9.46
C GLU B 4 -18.53 -12.97 -9.99
N ILE B 5 -17.84 -13.70 -9.12
CA ILE B 5 -16.61 -14.39 -9.48
C ILE B 5 -16.91 -15.86 -9.77
N PRO B 6 -16.24 -16.45 -10.77
CA PRO B 6 -16.65 -17.79 -11.22
C PRO B 6 -16.25 -18.87 -10.24
N ALA C 1 14.98 -11.46 -7.80
CA ALA C 1 16.01 -10.67 -8.55
C ALA C 1 15.36 -9.60 -9.45
N ASP C 2 14.09 -9.85 -9.81
CA ASP C 2 13.36 -9.03 -10.75
C ASP C 2 12.38 -8.07 -10.05
N CYS C 3 12.44 -7.99 -8.71
CA CYS C 3 11.45 -7.19 -7.98
C CYS C 3 11.48 -5.74 -8.42
N GLY C 4 10.31 -5.08 -8.40
CA GLY C 4 10.23 -3.64 -8.61
C GLY C 4 10.45 -3.16 -10.02
N LEU C 5 10.55 -4.08 -10.98
CA LEU C 5 10.70 -3.72 -12.40
C LEU C 5 9.45 -4.15 -13.16
N ARG C 6 8.69 -3.18 -13.64
CA ARG C 6 7.35 -3.44 -14.17
C ARG C 6 7.46 -3.92 -15.61
N PRO C 7 6.81 -5.06 -15.94
CA PRO C 7 6.77 -5.61 -17.30
C PRO C 7 6.37 -4.56 -18.35
N LEU C 8 5.41 -3.67 -18.02
CA LEU C 8 4.91 -2.70 -19.02
C LEU C 8 5.63 -1.35 -19.01
N PHE C 9 6.57 -1.19 -18.08
CA PHE C 9 7.33 0.07 -17.96
C PHE C 9 8.85 -0.19 -17.95
N GLU C 10 9.47 -0.35 -16.78
CA GLU C 10 10.94 -0.57 -16.73
C GLU C 10 11.48 -1.68 -17.65
N LYS C 11 10.77 -2.80 -17.73
CA LYS C 11 11.23 -3.92 -18.56
C LYS C 11 11.38 -3.55 -20.05
N LYS C 12 10.47 -2.70 -20.54
CA LYS C 12 10.49 -2.28 -21.94
C LYS C 12 10.95 -0.82 -22.10
N SER C 13 11.50 -0.26 -21.02
CA SER C 13 12.05 1.09 -21.01
C SER C 13 11.04 2.17 -21.42
N LEU C 14 9.82 2.05 -20.86
CA LEU C 14 8.78 3.06 -20.99
C LEU C 14 8.56 3.70 -19.63
N GLU C 15 8.20 4.98 -19.60
CA GLU C 15 7.92 5.63 -18.31
C GLU C 15 6.45 5.91 -18.17
N ASP C 16 5.92 5.84 -16.94
CA ASP C 16 4.53 6.22 -16.68
C ASP C 16 4.39 7.76 -16.63
N LYS C 17 3.16 8.24 -16.53
CA LYS C 17 2.87 9.67 -16.74
C LYS C 17 3.34 10.60 -15.63
N THR C 18 3.59 10.06 -14.44
CA THR C 18 3.93 10.93 -13.30
C THR C 18 5.18 10.50 -12.53
N GLU C 19 5.87 9.45 -13.00
CA GLU C 19 7.10 9.05 -12.29
C GLU C 19 8.19 10.13 -12.27
N ARG C 20 8.20 11.00 -13.28
CA ARG C 20 9.15 12.11 -13.28
C ARG C 20 8.97 13.04 -12.08
N GLU C 21 7.72 13.26 -11.66
CA GLU C 21 7.44 14.07 -10.47
C GLU C 21 8.20 13.52 -9.25
N LEU C 22 8.26 12.18 -9.13
CA LEU C 22 8.97 11.57 -8.01
C LEU C 22 10.48 11.86 -8.12
N LEU C 23 11.04 11.59 -9.30
CA LEU C 23 12.46 11.80 -9.55
C LEU C 23 12.85 13.25 -9.25
N GLU C 24 12.00 14.18 -9.65
CA GLU C 24 12.33 15.60 -9.45
C GLU C 24 12.36 15.99 -7.97
N SER C 25 11.65 15.24 -7.13
CA SER C 25 11.64 15.50 -5.69
C SER C 25 12.86 14.92 -4.96
N TYR C 26 13.59 14.01 -5.62
CA TYR C 26 14.76 13.38 -4.99
C TYR C 26 15.99 14.26 -5.25
N ILE C 27 16.09 15.36 -4.52
CA ILE C 27 17.03 16.46 -4.82
C ILE C 27 18.41 16.37 -4.18
N ASP C 28 18.60 15.39 -3.29
CA ASP C 28 19.93 15.02 -2.84
C ASP C 28 20.42 13.86 -3.69
N1 348 D . -6.71 9.71 5.50
C3 348 D . -5.95 8.61 5.59
N2 348 D . -4.72 8.65 5.14
C4 348 D . -6.51 7.34 6.19
C9 348 D . -7.83 7.31 6.65
C8 348 D . -8.35 6.14 7.22
C7 348 D . -7.57 4.99 7.33
C6 348 D . -6.25 5.02 6.86
C5 348 D . -5.73 6.19 6.29
C10 348 D . -8.12 3.72 7.92
N11 348 D . -9.60 3.56 7.82
C12 348 D . -10.02 3.09 6.49
C13 348 D . -10.76 1.76 6.68
C14 348 D . -10.34 1.26 8.06
C15 348 D . -9.98 2.52 8.82
C16 348 D . -8.83 2.42 9.82
C17 348 D . -9.29 2.72 11.25
N19 348 D . -8.82 4.12 11.41
C20 348 D . -8.06 4.57 10.41
O21 348 D . -7.62 5.71 10.34
C22 348 D . -7.79 3.47 9.40
C23 348 D . -9.26 4.90 12.60
C24 348 D . -8.11 5.03 13.58
C32 348 D . -7.95 4.10 14.60
C31 348 D . -6.88 4.18 15.50
C30 348 D . -5.96 5.21 15.37
O29 348 D . -4.90 5.30 16.25
C28 348 D . -3.63 5.79 15.82
C26 348 D . -6.10 6.16 14.36
C25 348 D . -7.17 6.07 13.46
C18 348 D . -8.69 1.72 12.28
C41 348 D . -9.30 0.33 12.22
C42 348 D . -7.17 1.60 12.27
NA NA E . -4.22 16.98 4.35
CA CA F . 1.05 16.34 19.21
#